data_1BSG
#
_entry.id   1BSG
#
_cell.length_a   40.630
_cell.length_b   43.570
_cell.length_c   138.610
_cell.angle_alpha   90.00
_cell.angle_beta   90.00
_cell.angle_gamma   90.00
#
_symmetry.space_group_name_H-M   'P 21 21 21'
#
loop_
_entity.id
_entity.type
_entity.pdbx_description
1 polymer 'BETA LACTAMASE'
2 non-polymer 'ACETATE ION'
3 water water
#
_entity_poly.entity_id   1
_entity_poly.type   'polypeptide(L)'
_entity_poly.pdbx_seq_one_letter_code
;SDAERRLAGLERASGARLGVYAYDTGSGRTVAYRADELFPMCSVFKTLSSAAVLRDLDRNGEFLSRRILYTQDDVEQADG
APETGKPQNLANGMTVEELCEVSITASDNCAANLMLRELGGPAAVTRFVRSLGDRVTRLDRWEPELNSAEPGRVTDTTSP
RAITRTYGRLVLGDALNPRDRRLLTSWLLANTTSGDRFRAGLPDDWTLGDKTGAGRYGTNNDAGVTWPPGRAPIVLTVLT
AKTEQDAARDDGLVADAARVLAETLG
;
_entity_poly.pdbx_strand_id   A
#
# COMPACT_ATOMS: atom_id res chain seq x y z
N SER A 1 -23.46 1.81 -11.17
CA SER A 1 -23.95 1.11 -12.40
C SER A 1 -23.07 1.38 -13.62
N ASP A 2 -22.97 2.64 -14.02
CA ASP A 2 -22.15 2.99 -15.17
C ASP A 2 -20.66 2.97 -14.83
N ALA A 3 -20.34 3.29 -13.57
CA ALA A 3 -18.96 3.27 -13.10
C ALA A 3 -18.44 1.84 -13.28
N GLU A 4 -19.13 0.91 -12.63
CA GLU A 4 -18.78 -0.49 -12.67
C GLU A 4 -18.78 -1.06 -14.09
N ARG A 5 -19.63 -0.53 -14.95
CA ARG A 5 -19.73 -0.97 -16.34
C ARG A 5 -18.46 -0.59 -17.09
N ARG A 6 -17.95 0.61 -16.83
CA ARG A 6 -16.73 1.08 -17.47
C ARG A 6 -15.53 0.27 -16.99
N LEU A 7 -15.55 -0.12 -15.71
CA LEU A 7 -14.48 -0.91 -15.08
C LEU A 7 -14.43 -2.35 -15.61
N ALA A 8 -15.58 -2.99 -15.76
CA ALA A 8 -15.63 -4.35 -16.29
C ALA A 8 -15.13 -4.32 -17.73
N GLY A 9 -15.26 -3.16 -18.37
CA GLY A 9 -14.80 -2.98 -19.73
C GLY A 9 -13.29 -2.93 -19.78
N LEU A 10 -12.70 -2.26 -18.78
CA LEU A 10 -11.24 -2.14 -18.68
C LEU A 10 -10.67 -3.52 -18.36
N GLU A 11 -11.40 -4.27 -17.56
CA GLU A 11 -10.98 -5.61 -17.15
C GLU A 11 -10.98 -6.58 -18.31
N ARG A 12 -12.05 -6.56 -19.10
CA ARG A 12 -12.18 -7.43 -20.25
C ARG A 12 -11.05 -7.21 -21.26
N ALA A 13 -10.71 -5.94 -21.49
CA ALA A 13 -9.65 -5.58 -22.42
C ALA A 13 -8.24 -6.00 -21.98
N SER A 14 -7.92 -5.76 -20.71
CA SER A 14 -6.60 -6.05 -20.16
C SER A 14 -6.27 -7.53 -19.97
N GLY A 15 -7.29 -8.36 -19.80
CA GLY A 15 -7.03 -9.76 -19.58
C GLY A 15 -6.56 -10.01 -18.14
N ALA A 16 -6.85 -9.07 -17.25
CA ALA A 16 -6.48 -9.17 -15.84
C ALA A 16 -7.71 -9.15 -14.95
N ARG A 17 -7.54 -9.56 -13.69
CA ARG A 17 -8.64 -9.52 -12.73
C ARG A 17 -8.47 -8.17 -12.06
N LEU A 18 -9.56 -7.41 -12.03
CA LEU A 18 -9.58 -6.06 -11.47
C LEU A 18 -10.44 -5.95 -10.22
N GLY A 19 -9.88 -5.36 -9.17
CA GLY A 19 -10.60 -5.19 -7.92
C GLY A 19 -10.49 -3.72 -7.56
N VAL A 20 -11.63 -3.08 -7.37
CA VAL A 20 -11.68 -1.66 -7.04
C VAL A 20 -12.65 -1.36 -5.91
N TYR A 21 -12.25 -0.45 -5.03
CA TYR A 21 -13.17 0.04 -4.00
C TYR A 21 -12.73 1.47 -3.72
N ALA A 22 -13.66 2.41 -3.90
CA ALA A 22 -13.38 3.81 -3.65
C ALA A 22 -14.55 4.40 -2.87
N TYR A 23 -14.25 5.36 -2.00
CA TYR A 23 -15.24 6.01 -1.16
C TYR A 23 -14.97 7.51 -1.07
N ASP A 24 -15.90 8.30 -1.58
CA ASP A 24 -15.80 9.76 -1.54
C ASP A 24 -16.41 10.22 -0.22
N THR A 25 -15.57 10.71 0.71
CA THR A 25 -16.08 11.16 2.01
C THR A 25 -16.97 12.39 1.93
N GLY A 26 -16.87 13.13 0.84
CA GLY A 26 -17.71 14.32 0.66
C GLY A 26 -19.13 13.94 0.30
N SER A 27 -19.31 13.28 -0.85
CA SER A 27 -20.64 12.86 -1.30
C SER A 27 -21.18 11.60 -0.66
N GLY A 28 -20.29 10.74 -0.18
CA GLY A 28 -20.70 9.48 0.42
C GLY A 28 -20.76 8.43 -0.67
N ARG A 29 -20.54 8.82 -1.91
CA ARG A 29 -20.58 7.87 -3.04
C ARG A 29 -19.46 6.84 -2.99
N THR A 30 -19.81 5.60 -3.31
CA THR A 30 -18.85 4.51 -3.34
C THR A 30 -18.90 3.82 -4.70
N VAL A 31 -17.79 3.21 -5.08
CA VAL A 31 -17.66 2.46 -6.34
C VAL A 31 -17.08 1.13 -5.89
N ALA A 32 -17.72 0.03 -6.29
CA ALA A 32 -17.27 -1.29 -5.90
C ALA A 32 -17.29 -2.24 -7.08
N TYR A 33 -16.16 -2.90 -7.30
CA TYR A 33 -16.01 -3.87 -8.39
C TYR A 33 -15.11 -4.98 -7.85
N ARG A 34 -15.67 -6.17 -7.64
CA ARG A 34 -14.95 -7.31 -7.07
C ARG A 34 -14.33 -6.85 -5.74
N ALA A 35 -15.03 -5.95 -5.05
CA ALA A 35 -14.56 -5.37 -3.78
C ALA A 35 -14.36 -6.33 -2.63
N ASP A 36 -14.92 -7.52 -2.73
CA ASP A 36 -14.77 -8.48 -1.64
C ASP A 36 -13.98 -9.73 -2.03
N GLU A 37 -13.38 -9.69 -3.22
CA GLU A 37 -12.54 -10.79 -3.67
C GLU A 37 -11.13 -10.56 -3.13
N LEU A 38 -10.41 -11.66 -2.89
CA LEU A 38 -9.04 -11.58 -2.38
C LEU A 38 -8.05 -11.43 -3.51
N PHE A 39 -7.03 -10.61 -3.25
CA PHE A 39 -5.96 -10.35 -4.21
C PHE A 39 -4.65 -10.35 -3.42
N PRO A 40 -3.53 -10.68 -4.07
CA PRO A 40 -2.26 -10.67 -3.33
C PRO A 40 -2.01 -9.19 -2.98
N MET A 41 -1.69 -8.92 -1.72
CA MET A 41 -1.48 -7.57 -1.21
C MET A 41 -0.18 -6.92 -1.66
N CYS A 42 0.88 -7.72 -1.68
CA CYS A 42 2.21 -7.25 -2.06
C CYS A 42 2.65 -6.07 -1.16
N SER A 43 3.33 -5.07 -1.72
CA SER A 43 3.84 -3.94 -0.93
C SER A 43 2.85 -2.97 -0.29
N VAL A 44 1.58 -3.12 -0.61
CA VAL A 44 0.53 -2.30 -0.02
C VAL A 44 0.56 -2.49 1.52
N PHE A 45 1.18 -3.57 2.00
CA PHE A 45 1.27 -3.84 3.45
C PHE A 45 2.23 -2.90 4.18
N LYS A 46 3.19 -2.34 3.46
CA LYS A 46 4.21 -1.48 4.06
C LYS A 46 3.67 -0.29 4.82
N THR A 47 2.50 0.19 4.41
CA THR A 47 1.85 1.30 5.10
C THR A 47 1.41 0.81 6.48
N LEU A 48 0.98 -0.45 6.53
CA LEU A 48 0.52 -1.08 7.77
C LEU A 48 1.64 -1.38 8.75
N SER A 49 2.76 -1.90 8.25
CA SER A 49 3.89 -2.21 9.13
C SER A 49 4.42 -0.91 9.73
N SER A 50 4.56 0.13 8.89
CA SER A 50 5.03 1.41 9.39
C SER A 50 4.06 1.99 10.44
N ALA A 51 2.76 1.91 10.17
CA ALA A 51 1.75 2.39 11.12
C ALA A 51 1.82 1.65 12.46
N ALA A 52 2.09 0.34 12.41
CA ALA A 52 2.18 -0.47 13.60
C ALA A 52 3.34 -0.04 14.49
N VAL A 53 4.48 0.29 13.88
CA VAL A 53 5.64 0.76 14.63
C VAL A 53 5.23 2.03 15.39
N LEU A 54 4.58 2.95 14.66
CA LEU A 54 4.13 4.20 15.26
C LEU A 54 3.19 4.01 16.44
N ARG A 55 2.15 3.20 16.27
CA ARG A 55 1.16 3.00 17.32
C ARG A 55 1.62 2.16 18.50
N ASP A 56 2.27 1.05 18.21
CA ASP A 56 2.66 0.10 19.22
C ASP A 56 4.09 0.09 19.77
N LEU A 57 5.05 0.57 18.99
CA LEU A 57 6.44 0.56 19.44
C LEU A 57 6.93 1.90 19.96
N ASP A 58 6.54 2.97 19.28
CA ASP A 58 6.95 4.31 19.65
C ASP A 58 6.02 5.00 20.62
N ARG A 59 6.60 5.62 21.65
CA ARG A 59 5.79 6.31 22.64
C ARG A 59 5.83 7.82 22.42
N ASN A 60 7.01 8.41 22.54
CA ASN A 60 7.15 9.85 22.31
C ASN A 60 8.37 10.16 21.46
N GLY A 61 8.51 9.44 20.35
CA GLY A 61 9.64 9.65 19.46
C GLY A 61 10.87 8.85 19.87
N GLU A 62 10.80 8.22 21.05
CA GLU A 62 11.87 7.41 21.62
C GLU A 62 12.36 6.28 20.72
N PHE A 63 11.41 5.50 20.21
CA PHE A 63 11.73 4.37 19.35
C PHE A 63 12.08 4.80 17.92
N LEU A 64 11.42 5.84 17.45
CA LEU A 64 11.67 6.36 16.12
C LEU A 64 13.12 6.85 15.98
N SER A 65 13.70 7.28 17.08
CA SER A 65 15.08 7.79 17.09
C SER A 65 16.17 6.72 17.17
N ARG A 66 15.80 5.47 17.38
CA ARG A 66 16.78 4.39 17.47
C ARG A 66 17.43 4.17 16.11
N ARG A 67 18.76 4.05 16.10
CA ARG A 67 19.45 3.80 14.85
C ARG A 67 19.69 2.30 14.73
N ILE A 68 19.38 1.77 13.55
CA ILE A 68 19.53 0.35 13.28
C ILE A 68 20.61 0.13 12.25
N LEU A 69 21.57 -0.72 12.60
CA LEU A 69 22.65 -1.05 11.69
C LEU A 69 22.37 -2.43 11.13
N TYR A 70 22.29 -2.51 9.81
CA TYR A 70 22.00 -3.78 9.15
C TYR A 70 23.18 -4.22 8.28
N THR A 71 23.08 -5.42 7.71
CA THR A 71 24.17 -5.97 6.92
C THR A 71 23.88 -6.14 5.43
N GLN A 72 24.94 -6.44 4.67
CA GLN A 72 24.83 -6.67 3.24
C GLN A 72 23.92 -7.88 3.03
N ASP A 73 23.92 -8.77 4.02
CA ASP A 73 23.08 -9.96 4.01
C ASP A 73 21.61 -9.56 4.00
N ASP A 74 21.27 -8.60 4.86
CA ASP A 74 19.88 -8.11 4.96
C ASP A 74 19.44 -7.49 3.65
N VAL A 75 20.33 -6.70 3.05
CA VAL A 75 20.07 -6.05 1.79
C VAL A 75 19.84 -7.07 0.66
N GLU A 76 20.72 -8.05 0.55
CA GLU A 76 20.63 -9.07 -0.48
C GLU A 76 19.44 -10.01 -0.36
N GLN A 77 19.14 -10.47 0.85
CA GLN A 77 18.01 -11.38 1.03
C GLN A 77 16.65 -10.74 0.77
N ALA A 78 16.55 -9.42 0.91
CA ALA A 78 15.31 -8.68 0.70
C ALA A 78 14.95 -8.52 -0.77
N ASP A 79 15.95 -8.63 -1.64
CA ASP A 79 15.79 -8.50 -3.09
C ASP A 79 15.04 -7.22 -3.44
N GLY A 80 15.59 -6.11 -2.97
CA GLY A 80 14.99 -4.81 -3.22
C GLY A 80 15.41 -3.90 -2.09
N ALA A 81 16.35 -3.00 -2.37
CA ALA A 81 16.84 -2.09 -1.35
C ALA A 81 17.29 -0.80 -2.01
N PRO A 82 16.33 -0.07 -2.63
CA PRO A 82 16.62 1.19 -3.31
C PRO A 82 17.32 2.23 -2.43
N GLU A 83 16.89 2.37 -1.18
CA GLU A 83 17.49 3.34 -0.26
C GLU A 83 18.46 2.69 0.70
N THR A 84 18.01 1.59 1.34
CA THR A 84 18.85 0.88 2.30
C THR A 84 20.14 0.35 1.69
N GLY A 85 20.12 0.02 0.41
CA GLY A 85 21.29 -0.50 -0.25
C GLY A 85 22.35 0.53 -0.57
N LYS A 86 22.02 1.82 -0.50
CA LYS A 86 22.98 2.89 -0.77
C LYS A 86 24.16 2.68 0.18
N PRO A 87 25.41 2.75 -0.34
CA PRO A 87 26.60 2.55 0.50
C PRO A 87 26.63 3.34 1.80
N GLN A 88 26.31 4.62 1.73
CA GLN A 88 26.31 5.46 2.93
C GLN A 88 25.33 4.95 3.99
N ASN A 89 24.16 4.45 3.58
CA ASN A 89 23.17 3.94 4.53
C ASN A 89 23.61 2.62 5.13
N LEU A 90 24.13 1.74 4.27
CA LEU A 90 24.60 0.45 4.70
C LEU A 90 25.76 0.70 5.68
N ALA A 91 26.56 1.72 5.40
CA ALA A 91 27.70 2.06 6.24
C ALA A 91 27.35 2.63 7.60
N ASN A 92 26.41 3.56 7.64
CA ASN A 92 26.02 4.21 8.90
C ASN A 92 24.72 3.77 9.54
N GLY A 93 23.94 2.99 8.82
CA GLY A 93 22.66 2.55 9.33
C GLY A 93 21.63 3.64 9.14
N MET A 94 20.39 3.36 9.49
CA MET A 94 19.28 4.33 9.36
C MET A 94 18.43 4.27 10.62
N THR A 95 17.77 5.37 10.94
CA THR A 95 16.92 5.38 12.14
C THR A 95 15.60 4.70 11.84
N VAL A 96 14.89 4.31 12.87
CA VAL A 96 13.59 3.65 12.70
C VAL A 96 12.67 4.56 11.86
N GLU A 97 12.69 5.86 12.13
CA GLU A 97 11.87 6.82 11.36
C GLU A 97 12.16 6.75 9.85
N GLU A 98 13.45 6.78 9.51
CA GLU A 98 13.87 6.70 8.11
C GLU A 98 13.42 5.39 7.45
N LEU A 99 13.56 4.29 8.17
CA LEU A 99 13.18 2.97 7.69
C LEU A 99 11.66 2.87 7.49
N CYS A 100 10.89 3.47 8.39
CA CYS A 100 9.43 3.47 8.26
C CYS A 100 9.06 4.31 7.04
N GLU A 101 9.78 5.41 6.84
CA GLU A 101 9.53 6.26 5.71
C GLU A 101 9.83 5.63 4.35
N VAL A 102 11.06 5.13 4.16
CA VAL A 102 11.43 4.54 2.88
C VAL A 102 10.68 3.25 2.54
N SER A 103 10.11 2.59 3.54
CA SER A 103 9.29 1.39 3.33
C SER A 103 8.11 1.83 2.44
N ILE A 104 7.66 3.05 2.63
CA ILE A 104 6.54 3.61 1.87
C ILE A 104 6.95 4.36 0.59
N THR A 105 7.75 5.42 0.75
CA THR A 105 8.13 6.26 -0.39
C THR A 105 8.92 5.62 -1.52
N ALA A 106 9.75 4.64 -1.18
CA ALA A 106 10.57 3.94 -2.17
C ALA A 106 10.21 2.47 -2.20
N SER A 107 9.28 2.07 -1.34
CA SER A 107 8.82 0.67 -1.25
C SER A 107 10.04 -0.25 -1.01
N ASP A 108 10.93 0.19 -0.12
CA ASP A 108 12.15 -0.55 0.18
C ASP A 108 11.88 -1.91 0.88
N ASN A 109 12.20 -3.02 0.20
CA ASN A 109 11.98 -4.37 0.75
C ASN A 109 12.77 -4.62 2.04
N CYS A 110 14.03 -4.18 2.04
CA CYS A 110 14.91 -4.36 3.17
C CYS A 110 14.44 -3.56 4.40
N ALA A 111 14.06 -2.31 4.21
CA ALA A 111 13.54 -1.48 5.30
C ALA A 111 12.30 -2.15 5.93
N ALA A 112 11.39 -2.68 5.11
CA ALA A 112 10.19 -3.33 5.63
C ALA A 112 10.54 -4.58 6.43
N ASN A 113 11.49 -5.40 5.94
CA ASN A 113 11.90 -6.59 6.68
C ASN A 113 12.46 -6.19 8.06
N LEU A 114 13.23 -5.12 8.10
CA LEU A 114 13.80 -4.64 9.37
C LEU A 114 12.70 -4.21 10.34
N MET A 115 11.65 -3.57 9.82
CA MET A 115 10.53 -3.14 10.66
C MET A 115 9.71 -4.34 11.13
N LEU A 116 9.53 -5.34 10.25
CA LEU A 116 8.80 -6.54 10.63
C LEU A 116 9.55 -7.22 11.78
N ARG A 117 10.88 -7.20 11.71
CA ARG A 117 11.72 -7.81 12.74
C ARG A 117 11.44 -7.13 14.08
N GLU A 118 11.41 -5.80 14.11
CA GLU A 118 11.14 -5.05 15.35
C GLU A 118 9.72 -5.34 15.87
N LEU A 119 8.79 -5.53 14.94
CA LEU A 119 7.41 -5.82 15.30
C LEU A 119 7.20 -7.22 15.87
N GLY A 120 8.05 -8.16 15.47
CA GLY A 120 7.91 -9.52 15.95
C GLY A 120 7.58 -10.48 14.83
N GLY A 121 7.59 -9.97 13.60
CA GLY A 121 7.30 -10.79 12.44
C GLY A 121 6.04 -10.39 11.70
N PRO A 122 5.78 -11.00 10.52
CA PRO A 122 4.59 -10.70 9.71
C PRO A 122 3.24 -10.80 10.44
N ALA A 123 3.13 -11.72 11.39
CA ALA A 123 1.89 -11.89 12.16
C ALA A 123 1.51 -10.68 13.00
N ALA A 124 2.50 -9.89 13.37
CA ALA A 124 2.27 -8.67 14.15
C ALA A 124 1.43 -7.70 13.31
N VAL A 125 1.58 -7.78 11.99
CA VAL A 125 0.81 -6.91 11.10
C VAL A 125 -0.63 -7.38 11.07
N THR A 126 -0.83 -8.71 11.03
CA THR A 126 -2.18 -9.26 11.02
C THR A 126 -2.88 -8.88 12.32
N ARG A 127 -2.16 -9.02 13.43
CA ARG A 127 -2.70 -8.70 14.74
C ARG A 127 -3.08 -7.21 14.80
N PHE A 128 -2.26 -6.36 14.19
CA PHE A 128 -2.49 -4.93 14.15
C PHE A 128 -3.78 -4.58 13.42
N VAL A 129 -3.95 -5.07 12.20
CA VAL A 129 -5.17 -4.78 11.44
C VAL A 129 -6.39 -5.39 12.10
N ARG A 130 -6.23 -6.55 12.73
CA ARG A 130 -7.32 -7.20 13.44
C ARG A 130 -7.77 -6.28 14.59
N SER A 131 -6.82 -5.55 15.19
CA SER A 131 -7.17 -4.65 16.28
C SER A 131 -7.98 -3.46 15.76
N LEU A 132 -7.92 -3.23 14.45
CA LEU A 132 -8.66 -2.14 13.80
C LEU A 132 -9.98 -2.61 13.20
N GLY A 133 -10.34 -3.87 13.45
CA GLY A 133 -11.60 -4.37 12.92
C GLY A 133 -11.52 -5.03 11.56
N ASP A 134 -10.33 -5.07 10.96
CA ASP A 134 -10.12 -5.67 9.65
C ASP A 134 -9.88 -7.17 9.85
N ARG A 135 -10.82 -7.99 9.40
CA ARG A 135 -10.72 -9.45 9.55
C ARG A 135 -10.34 -10.16 8.25
N VAL A 136 -10.03 -9.39 7.22
CA VAL A 136 -9.67 -9.94 5.92
C VAL A 136 -8.17 -9.88 5.68
N THR A 137 -7.61 -8.69 5.75
CA THR A 137 -6.18 -8.45 5.51
C THR A 137 -5.28 -9.34 6.37
N ARG A 138 -4.27 -9.93 5.74
CA ARG A 138 -3.33 -10.79 6.47
C ARG A 138 -1.95 -10.79 5.83
N LEU A 139 -0.92 -10.79 6.68
CA LEU A 139 0.45 -10.85 6.23
C LEU A 139 1.01 -12.11 6.88
N ASP A 140 1.63 -12.98 6.10
CA ASP A 140 2.12 -14.24 6.63
C ASP A 140 3.60 -14.49 6.43
N ARG A 141 4.17 -13.87 5.39
CA ARG A 141 5.57 -14.09 5.07
C ARG A 141 6.38 -12.81 5.01
N TRP A 142 7.68 -12.96 4.80
CA TRP A 142 8.61 -11.83 4.74
C TRP A 142 8.91 -11.47 3.27
N GLU A 143 9.70 -10.41 3.07
CA GLU A 143 10.13 -10.04 1.73
C GLU A 143 11.28 -10.98 1.40
N PRO A 144 11.38 -11.45 0.15
CA PRO A 144 10.48 -11.16 -0.97
C PRO A 144 9.41 -12.22 -1.27
N GLU A 145 9.38 -13.28 -0.47
CA GLU A 145 8.43 -14.37 -0.68
C GLU A 145 6.96 -14.00 -0.70
N LEU A 146 6.56 -13.02 0.10
CA LEU A 146 5.16 -12.60 0.18
C LEU A 146 4.54 -12.14 -1.15
N ASN A 147 5.38 -11.90 -2.16
CA ASN A 147 4.92 -11.45 -3.46
C ASN A 147 4.69 -12.61 -4.44
N SER A 148 4.86 -13.84 -3.96
CA SER A 148 4.72 -15.02 -4.83
C SER A 148 3.42 -14.96 -5.64
N ALA A 149 2.35 -14.47 -5.00
CA ALA A 149 1.06 -14.22 -5.64
C ALA A 149 0.35 -15.32 -6.43
N GLU A 150 0.46 -16.57 -5.99
CA GLU A 150 -0.20 -17.68 -6.67
C GLU A 150 -1.72 -17.51 -6.57
N PRO A 151 -2.46 -17.76 -7.67
CA PRO A 151 -3.92 -17.60 -7.60
C PRO A 151 -4.62 -18.40 -6.49
N GLY A 152 -4.15 -19.61 -6.18
CA GLY A 152 -4.77 -20.42 -5.14
C GLY A 152 -4.34 -20.15 -3.71
N ARG A 153 -3.36 -19.25 -3.55
CA ARG A 153 -2.81 -18.86 -2.25
C ARG A 153 -3.74 -17.92 -1.47
N VAL A 154 -3.91 -18.18 -0.17
CA VAL A 154 -4.77 -17.37 0.69
C VAL A 154 -3.95 -16.45 1.60
N THR A 155 -2.67 -16.79 1.81
CA THR A 155 -1.80 -15.99 2.65
C THR A 155 -1.45 -14.68 1.97
N ASP A 156 -1.11 -13.67 2.78
CA ASP A 156 -0.70 -12.36 2.28
C ASP A 156 -1.71 -11.70 1.33
N THR A 157 -2.98 -11.83 1.65
CA THR A 157 -4.02 -11.25 0.81
C THR A 157 -4.83 -10.22 1.54
N THR A 158 -5.63 -9.50 0.77
CA THR A 158 -6.56 -8.53 1.28
C THR A 158 -7.61 -8.37 0.19
N SER A 159 -8.62 -7.53 0.45
CA SER A 159 -9.68 -7.28 -0.52
C SER A 159 -9.71 -5.77 -0.73
N PRO A 160 -10.21 -5.32 -1.88
CA PRO A 160 -10.27 -3.87 -2.13
C PRO A 160 -11.08 -3.17 -1.03
N ARG A 161 -12.15 -3.80 -0.57
CA ARG A 161 -12.98 -3.19 0.49
C ARG A 161 -12.21 -3.06 1.79
N ALA A 162 -11.59 -4.17 2.21
CA ALA A 162 -10.85 -4.23 3.47
C ALA A 162 -9.71 -3.23 3.58
N ILE A 163 -8.87 -3.18 2.55
CA ILE A 163 -7.73 -2.28 2.58
C ILE A 163 -8.12 -0.81 2.49
N THR A 164 -9.23 -0.51 1.80
CA THR A 164 -9.69 0.88 1.69
C THR A 164 -10.19 1.34 3.05
N ARG A 165 -10.90 0.46 3.75
CA ARG A 165 -11.41 0.79 5.08
C ARG A 165 -10.27 0.99 6.07
N THR A 166 -9.31 0.07 6.06
CA THR A 166 -8.15 0.15 6.96
C THR A 166 -7.31 1.40 6.66
N TYR A 167 -6.98 1.62 5.39
CA TYR A 167 -6.21 2.82 5.02
C TYR A 167 -6.96 4.08 5.44
N GLY A 168 -8.29 4.06 5.30
CA GLY A 168 -9.11 5.21 5.68
C GLY A 168 -9.01 5.50 7.16
N ARG A 169 -9.06 4.46 7.99
CA ARG A 169 -8.97 4.62 9.46
C ARG A 169 -7.63 5.17 9.90
N LEU A 170 -6.57 4.78 9.20
CA LEU A 170 -5.24 5.25 9.53
C LEU A 170 -5.03 6.72 9.16
N VAL A 171 -5.40 7.08 7.93
CA VAL A 171 -5.20 8.44 7.44
C VAL A 171 -6.27 9.46 7.85
N LEU A 172 -7.54 9.09 7.78
CA LEU A 172 -8.61 10.03 8.12
C LEU A 172 -9.29 9.78 9.46
N GLY A 173 -9.21 8.54 9.96
CA GLY A 173 -9.85 8.16 11.21
C GLY A 173 -8.97 8.36 12.44
N ASP A 174 -9.29 7.66 13.53
CA ASP A 174 -8.54 7.80 14.78
C ASP A 174 -7.77 6.56 15.22
N ALA A 175 -7.33 5.76 14.25
CA ALA A 175 -6.57 4.56 14.53
C ALA A 175 -5.24 4.94 15.18
N LEU A 176 -4.70 6.10 14.78
CA LEU A 176 -3.44 6.64 15.29
C LEU A 176 -3.72 7.96 15.98
N ASN A 177 -2.79 8.41 16.82
CA ASN A 177 -2.95 9.69 17.48
C ASN A 177 -2.59 10.75 16.45
N PRO A 178 -3.05 12.00 16.64
CA PRO A 178 -2.79 13.11 15.71
C PRO A 178 -1.38 13.24 15.16
N ARG A 179 -0.38 13.11 16.02
CA ARG A 179 1.02 13.21 15.63
C ARG A 179 1.41 12.07 14.71
N ASP A 180 1.05 10.85 15.10
CA ASP A 180 1.37 9.67 14.31
C ASP A 180 0.64 9.68 12.98
N ARG A 181 -0.61 10.15 13.00
CA ARG A 181 -1.41 10.25 11.78
C ARG A 181 -0.75 11.23 10.81
N ARG A 182 -0.31 12.36 11.32
CA ARG A 182 0.36 13.36 10.50
C ARG A 182 1.68 12.79 9.92
N LEU A 183 2.40 11.99 10.69
CA LEU A 183 3.66 11.40 10.19
C LEU A 183 3.40 10.42 9.07
N LEU A 184 2.48 9.50 9.31
CA LEU A 184 2.13 8.52 8.30
C LEU A 184 1.65 9.19 7.00
N THR A 185 0.81 10.21 7.12
CA THR A 185 0.29 10.91 5.93
C THR A 185 1.40 11.60 5.15
N SER A 186 2.36 12.19 5.85
CA SER A 186 3.46 12.86 5.19
C SER A 186 4.28 11.87 4.36
N TRP A 187 4.40 10.63 4.84
CA TRP A 187 5.17 9.62 4.10
C TRP A 187 4.42 9.21 2.83
N LEU A 188 3.11 9.03 2.95
CA LEU A 188 2.26 8.66 1.81
C LEU A 188 2.30 9.76 0.75
N LEU A 189 2.24 11.02 1.17
CA LEU A 189 2.27 12.15 0.25
C LEU A 189 3.60 12.28 -0.47
N ALA A 190 4.65 11.68 0.12
CA ALA A 190 6.00 11.74 -0.43
C ALA A 190 6.36 10.55 -1.31
N ASN A 191 5.39 9.71 -1.61
CA ASN A 191 5.62 8.54 -2.43
C ASN A 191 6.22 8.88 -3.78
N THR A 192 7.14 8.05 -4.25
CA THR A 192 7.79 8.27 -5.53
C THR A 192 7.53 7.18 -6.56
N THR A 193 6.75 6.16 -6.21
CA THR A 193 6.52 5.02 -7.10
C THR A 193 5.24 4.95 -7.93
N SER A 194 4.40 5.97 -7.83
CA SER A 194 3.12 5.99 -8.50
C SER A 194 3.04 6.72 -9.85
N GLY A 195 4.20 7.07 -10.40
CA GLY A 195 4.25 7.81 -11.65
C GLY A 195 3.46 7.33 -12.85
N ASP A 196 3.43 6.02 -13.07
CA ASP A 196 2.70 5.44 -14.20
C ASP A 196 1.37 4.83 -13.76
N ARG A 197 1.06 4.94 -12.48
CA ARG A 197 -0.17 4.40 -11.92
C ARG A 197 -1.17 5.49 -11.49
N PHE A 198 -1.55 5.56 -10.20
CA PHE A 198 -2.52 6.58 -9.75
C PHE A 198 -2.13 8.00 -10.14
N ARG A 199 -0.86 8.34 -10.03
CA ARG A 199 -0.42 9.69 -10.35
C ARG A 199 -0.62 10.01 -11.83
N ALA A 200 -0.58 9.01 -12.68
CA ALA A 200 -0.79 9.23 -14.11
C ALA A 200 -2.29 9.34 -14.45
N GLY A 201 -3.15 8.75 -13.61
CA GLY A 201 -4.57 8.76 -13.89
C GLY A 201 -5.41 9.84 -13.23
N LEU A 202 -4.92 10.46 -12.17
CA LEU A 202 -5.66 11.51 -11.48
C LEU A 202 -5.23 12.90 -11.97
N PRO A 203 -6.15 13.88 -11.97
CA PRO A 203 -5.82 15.24 -12.43
C PRO A 203 -4.62 15.76 -11.62
N ASP A 204 -3.72 16.47 -12.30
CA ASP A 204 -2.51 16.95 -11.64
C ASP A 204 -2.69 17.94 -10.49
N ASP A 205 -3.92 18.44 -10.29
CA ASP A 205 -4.15 19.36 -9.18
C ASP A 205 -4.79 18.68 -7.98
N TRP A 206 -4.93 17.37 -8.05
CA TRP A 206 -5.44 16.59 -6.93
C TRP A 206 -4.21 16.14 -6.14
N THR A 207 -4.22 16.35 -4.83
CA THR A 207 -3.13 15.91 -3.97
C THR A 207 -3.31 14.41 -3.77
N LEU A 208 -2.21 13.65 -3.80
CA LEU A 208 -2.27 12.20 -3.63
C LEU A 208 -1.26 11.61 -2.66
N GLY A 209 -1.76 10.76 -1.76
CA GLY A 209 -0.92 10.07 -0.81
C GLY A 209 -1.21 8.60 -1.08
N ASP A 210 -0.22 7.84 -1.55
CA ASP A 210 -0.50 6.43 -1.86
C ASP A 210 0.65 5.45 -1.69
N LYS A 211 0.32 4.16 -1.77
CA LYS A 211 1.28 3.07 -1.67
C LYS A 211 0.97 2.07 -2.78
N THR A 212 1.99 1.69 -3.53
CA THR A 212 1.85 0.75 -4.64
C THR A 212 2.32 -0.64 -4.22
N GLY A 213 2.03 -1.62 -5.07
CA GLY A 213 2.41 -2.99 -4.83
C GLY A 213 2.48 -3.70 -6.17
N ALA A 214 3.53 -4.48 -6.39
CA ALA A 214 3.71 -5.23 -7.62
C ALA A 214 4.45 -6.50 -7.28
N GLY A 215 4.00 -7.63 -7.82
CA GLY A 215 4.67 -8.89 -7.53
C GLY A 215 4.63 -9.82 -8.73
N ARG A 216 4.61 -11.13 -8.47
CA ARG A 216 4.55 -12.11 -9.54
C ARG A 216 3.11 -12.20 -10.01
N TYR A 217 2.89 -12.96 -11.09
CA TYR A 217 1.57 -13.15 -11.67
C TYR A 217 1.00 -11.83 -12.12
N GLY A 218 1.88 -10.93 -12.54
CA GLY A 218 1.48 -9.62 -13.03
C GLY A 218 0.64 -8.77 -12.09
N THR A 219 0.82 -8.96 -10.79
CA THR A 219 0.07 -8.20 -9.79
C THR A 219 0.53 -6.75 -9.80
N ASN A 220 -0.42 -5.83 -9.65
CA ASN A 220 -0.12 -4.40 -9.71
C ASN A 220 -1.22 -3.70 -8.94
N ASN A 221 -0.88 -3.19 -7.77
CA ASN A 221 -1.84 -2.55 -6.87
C ASN A 221 -1.49 -1.09 -6.57
N ASP A 222 -2.49 -0.33 -6.17
CA ASP A 222 -2.31 1.07 -5.75
C ASP A 222 -3.43 1.42 -4.79
N ALA A 223 -3.07 1.91 -3.60
CA ALA A 223 -4.03 2.28 -2.56
C ALA A 223 -3.64 3.60 -1.92
N GLY A 224 -4.59 4.50 -1.78
CA GLY A 224 -4.28 5.76 -1.17
C GLY A 224 -5.46 6.66 -0.87
N VAL A 225 -5.16 7.93 -0.66
CA VAL A 225 -6.17 8.93 -0.36
C VAL A 225 -5.85 10.12 -1.25
N THR A 226 -6.88 10.69 -1.86
CA THR A 226 -6.69 11.82 -2.75
C THR A 226 -7.64 12.98 -2.43
N TRP A 227 -7.12 14.20 -2.54
CA TRP A 227 -7.87 15.41 -2.23
C TRP A 227 -8.07 16.30 -3.46
N PRO A 228 -9.27 16.27 -4.05
CA PRO A 228 -9.55 17.13 -5.23
C PRO A 228 -9.50 18.60 -4.76
N PRO A 229 -9.20 19.55 -5.66
CA PRO A 229 -9.15 20.95 -5.27
C PRO A 229 -10.44 21.42 -4.61
N GLY A 230 -10.32 21.88 -3.37
CA GLY A 230 -11.47 22.37 -2.63
C GLY A 230 -12.52 21.38 -2.16
N ARG A 231 -12.23 20.08 -2.21
CA ARG A 231 -13.22 19.07 -1.80
C ARG A 231 -12.69 18.09 -0.75
N ALA A 232 -13.63 17.28 -0.22
CA ALA A 232 -13.31 16.28 0.79
C ALA A 232 -12.48 15.18 0.15
N PRO A 233 -11.66 14.49 0.95
CA PRO A 233 -10.81 13.42 0.42
C PRO A 233 -11.58 12.19 -0.02
N ILE A 234 -10.97 11.47 -0.98
CA ILE A 234 -11.49 10.23 -1.52
C ILE A 234 -10.45 9.14 -1.20
N VAL A 235 -10.89 8.00 -0.65
CA VAL A 235 -10.00 6.87 -0.33
C VAL A 235 -10.26 5.86 -1.44
N LEU A 236 -9.21 5.43 -2.14
CA LEU A 236 -9.41 4.50 -3.25
C LEU A 236 -8.35 3.43 -3.32
N THR A 237 -8.76 2.26 -3.78
CA THR A 237 -7.85 1.14 -3.92
C THR A 237 -8.12 0.38 -5.23
N VAL A 238 -7.05 0.04 -5.94
CA VAL A 238 -7.16 -0.74 -7.18
C VAL A 238 -6.16 -1.89 -7.06
N LEU A 239 -6.65 -3.11 -7.09
CA LEU A 239 -5.81 -4.30 -7.02
C LEU A 239 -6.02 -5.05 -8.34
N THR A 240 -4.92 -5.51 -8.95
CA THR A 240 -5.00 -6.24 -10.21
C THR A 240 -4.10 -7.46 -10.16
N ALA A 241 -4.54 -8.55 -10.76
CA ALA A 241 -3.77 -9.79 -10.76
C ALA A 241 -4.03 -10.61 -12.01
N LYS A 242 -3.00 -11.32 -12.46
CA LYS A 242 -3.08 -12.19 -13.62
C LYS A 242 -2.90 -13.65 -13.17
N THR A 243 -2.99 -14.59 -14.13
CA THR A 243 -2.90 -16.02 -13.83
C THR A 243 -1.63 -16.72 -14.30
N GLU A 244 -0.79 -16.00 -15.04
CA GLU A 244 0.48 -16.56 -15.49
C GLU A 244 1.56 -15.96 -14.61
N GLN A 245 2.44 -16.79 -14.08
CA GLN A 245 3.49 -16.35 -13.18
C GLN A 245 4.36 -15.23 -13.69
N ASP A 246 4.79 -15.31 -14.94
CA ASP A 246 5.65 -14.28 -15.52
C ASP A 246 4.93 -13.25 -16.37
N ALA A 247 3.64 -13.05 -16.11
CA ALA A 247 2.88 -12.09 -16.89
C ALA A 247 3.35 -10.68 -16.56
N ALA A 248 3.30 -9.81 -17.55
CA ALA A 248 3.71 -8.42 -17.35
C ALA A 248 2.61 -7.66 -16.59
N ARG A 249 3.01 -6.81 -15.65
CA ARG A 249 2.02 -6.02 -14.89
C ARG A 249 1.48 -4.94 -15.83
N ASP A 250 0.24 -4.52 -15.60
CA ASP A 250 -0.37 -3.51 -16.45
C ASP A 250 -0.56 -2.21 -15.69
N ASP A 251 0.36 -1.25 -15.90
CA ASP A 251 0.29 0.05 -15.25
C ASP A 251 -0.87 0.86 -15.80
N GLY A 252 -1.10 0.71 -17.11
CA GLY A 252 -2.18 1.41 -17.78
C GLY A 252 -3.56 1.10 -17.23
N LEU A 253 -3.78 -0.17 -16.87
CA LEU A 253 -5.05 -0.62 -16.30
C LEU A 253 -5.27 0.13 -14.98
N VAL A 254 -4.22 0.26 -14.18
CA VAL A 254 -4.32 0.94 -12.88
C VAL A 254 -4.57 2.43 -13.08
N ALA A 255 -3.85 3.04 -14.03
CA ALA A 255 -4.02 4.45 -14.34
C ALA A 255 -5.41 4.68 -14.95
N ASP A 256 -5.85 3.78 -15.83
CA ASP A 256 -7.17 3.90 -16.45
C ASP A 256 -8.28 3.78 -15.42
N ALA A 257 -8.14 2.85 -14.47
CA ALA A 257 -9.15 2.68 -13.42
C ALA A 257 -9.29 3.96 -12.60
N ALA A 258 -8.16 4.62 -12.37
CA ALA A 258 -8.12 5.88 -11.62
C ALA A 258 -8.82 6.96 -12.41
N ARG A 259 -8.63 6.98 -13.74
CA ARG A 259 -9.28 7.97 -14.61
C ARG A 259 -10.79 7.87 -14.49
N VAL A 260 -11.30 6.64 -14.46
CA VAL A 260 -12.74 6.40 -14.34
C VAL A 260 -13.23 6.94 -12.99
N LEU A 261 -12.43 6.72 -11.94
CA LEU A 261 -12.79 7.18 -10.60
C LEU A 261 -12.74 8.70 -10.48
N ALA A 262 -11.78 9.34 -11.15
CA ALA A 262 -11.67 10.79 -11.10
C ALA A 262 -12.85 11.44 -11.81
N GLU A 263 -13.34 10.79 -12.87
CA GLU A 263 -14.48 11.31 -13.64
C GLU A 263 -15.83 10.99 -13.00
N THR A 264 -15.82 10.04 -12.08
CA THR A 264 -17.01 9.60 -11.37
C THR A 264 -17.15 10.27 -10.01
N LEU A 265 -16.04 10.30 -9.25
CA LEU A 265 -16.05 10.89 -7.90
C LEU A 265 -15.45 12.30 -7.87
N GLY A 266 -15.52 12.93 -6.70
CA GLY A 266 -15.01 14.29 -6.57
C GLY A 266 -15.67 15.25 -7.56
#